data_4EUW
#
_entry.id   4EUW
#
_cell.length_a   55.772
_cell.length_b   134.654
_cell.length_c   49.987
_cell.angle_alpha   90.00
_cell.angle_beta   90.00
_cell.angle_gamma   90.00
#
_symmetry.space_group_name_H-M   'C 2 2 2'
#
loop_
_entity.id
_entity.type
_entity.pdbx_description
1 polymer 'Transcription factor SOX-9'
2 polymer "DNA (5'-D(*CP*TP*CP*TP*TP*TP*GP*AP*GP*AP*AP*G)-3')"
3 polymer "DNA (5'-D(*CP*TP*TP*CP*TP*CP*AP*AP*AP*GP*AP*G)-3')"
4 water water
#
loop_
_entity_poly.entity_id
_entity_poly.type
_entity_poly.pdbx_seq_one_letter_code
_entity_poly.pdbx_strand_id
1 'polypeptide(L)'
;MAHHHHHHVDDDDKMSENLYFQSSKNKPHVKRPMNAFMVWAQAARRKLADQYPHLHNAELSKTLGKLWRLLNESEKRPFV
EEAERLRVQHKKDHPDYKYQPRRRKS
;
A
2 'polydeoxyribonucleotide' (DC)(DT)(DC)(DT)(DT)(DT)(DG)(DA)(DG)(DA)(DA)(DG) B
3 'polydeoxyribonucleotide' (DC)(DT)(DT)(DC)(DT)(DC)(DA)(DA)(DA)(DG)(DA)(DG) C
#
# COMPACT_ATOMS: atom_id res chain seq x y z
N PRO A 28 -10.45 8.61 18.94
CA PRO A 28 -10.42 7.27 18.34
C PRO A 28 -10.94 7.26 16.90
N HIS A 29 -10.26 6.54 16.03
CA HIS A 29 -10.63 6.49 14.63
C HIS A 29 -10.29 5.13 14.01
N VAL A 30 -11.10 4.72 13.03
CA VAL A 30 -10.86 3.53 12.22
C VAL A 30 -10.25 3.97 10.89
N LYS A 31 -9.04 3.48 10.61
CA LYS A 31 -8.35 3.85 9.39
C LYS A 31 -8.96 3.17 8.17
N ARG A 32 -8.79 3.82 7.00
CA ARG A 32 -9.16 3.24 5.72
C ARG A 32 -8.18 2.13 5.45
N PRO A 33 -8.68 1.07 4.80
CA PRO A 33 -7.80 -0.05 4.53
C PRO A 33 -6.89 0.29 3.32
N MET A 34 -5.77 -0.40 3.26
CA MET A 34 -4.73 -0.06 2.31
C MET A 34 -5.06 -0.57 0.91
N ASN A 35 -4.89 0.33 -0.09
CA ASN A 35 -5.09 -0.03 -1.51
C ASN A 35 -3.87 -0.79 -2.03
N ALA A 36 -4.02 -1.41 -3.20
CA ALA A 36 -2.98 -2.32 -3.74
C ALA A 36 -1.61 -1.68 -3.81
N PHE A 37 -1.57 -0.37 -4.10
CA PHE A 37 -0.32 0.39 -4.08
C PHE A 37 0.24 0.48 -2.68
N MET A 38 -0.61 0.86 -1.73
CA MET A 38 -0.20 1.09 -0.35
C MET A 38 0.21 -0.17 0.42
N VAL A 39 -0.27 -1.32 -0.05
CA VAL A 39 0.08 -2.63 0.52
C VAL A 39 1.48 -3.00 0.07
N TRP A 40 1.71 -2.94 -1.25
CA TRP A 40 3.04 -3.22 -1.84
C TRP A 40 4.09 -2.22 -1.43
N ALA A 41 3.67 -0.96 -1.34
CA ALA A 41 4.57 0.12 -1.03
C ALA A 41 5.13 0.03 0.38
N GLN A 42 4.40 -0.55 1.31
CA GLN A 42 4.86 -0.60 2.71
C GLN A 42 6.18 -1.36 2.90
N ALA A 43 6.32 -2.51 2.25
CA ALA A 43 7.57 -3.29 2.32
C ALA A 43 8.65 -2.68 1.38
N ALA A 44 8.24 -2.36 0.13
CA ALA A 44 9.12 -1.72 -0.88
C ALA A 44 9.83 -0.46 -0.35
N ARG A 45 9.02 0.40 0.27
CA ARG A 45 9.50 1.62 0.95
C ARG A 45 10.58 1.26 1.99
N ARG A 46 10.23 0.37 2.92
CA ARG A 46 11.13 0.01 4.03
C ARG A 46 12.38 -0.71 3.56
N LYS A 47 12.28 -1.49 2.48
CA LYS A 47 13.47 -2.11 1.83
C LYS A 47 14.50 -1.04 1.41
N LEU A 48 14.02 0.04 0.79
CA LEU A 48 14.87 1.21 0.46
C LEU A 48 15.34 2.02 1.69
N ALA A 49 14.40 2.41 2.54
CA ALA A 49 14.71 3.12 3.80
C ALA A 49 15.79 2.45 4.70
N ASP A 50 15.81 1.11 4.73
CA ASP A 50 16.78 0.36 5.53
C ASP A 50 18.21 0.55 4.99
N GLN A 51 18.34 0.75 3.68
CA GLN A 51 19.65 1.03 3.08
C GLN A 51 20.01 2.50 3.21
N TYR A 52 18.98 3.32 2.94
CA TYR A 52 19.08 4.77 2.84
C TYR A 52 18.16 5.43 3.86
N PRO A 53 18.61 5.52 5.12
CA PRO A 53 17.78 6.11 6.16
C PRO A 53 17.68 7.64 6.12
N HIS A 54 18.51 8.29 5.32
CA HIS A 54 18.47 9.77 5.22
C HIS A 54 17.65 10.28 4.03
N LEU A 55 17.10 9.36 3.24
CA LEU A 55 16.25 9.71 2.09
C LEU A 55 14.86 10.09 2.58
N HIS A 56 14.39 11.25 2.16
CA HIS A 56 13.10 11.78 2.60
C HIS A 56 11.97 10.90 2.09
N ASN A 57 10.94 10.71 2.91
CA ASN A 57 9.84 9.80 2.56
C ASN A 57 8.99 10.33 1.44
N ALA A 58 8.98 11.64 1.27
CA ALA A 58 8.36 12.27 0.07
C ALA A 58 9.09 11.75 -1.19
N GLU A 59 10.41 11.64 -1.11
CA GLU A 59 11.20 11.26 -2.26
C GLU A 59 11.06 9.77 -2.57
N LEU A 60 10.97 8.94 -1.52
CA LEU A 60 10.73 7.51 -1.68
C LEU A 60 9.40 7.24 -2.40
N SER A 61 8.35 8.03 -2.10
CA SER A 61 7.03 7.86 -2.74
C SER A 61 7.14 7.98 -4.24
N LYS A 62 7.96 8.94 -4.68
CA LYS A 62 8.11 9.24 -6.12
C LYS A 62 8.79 8.09 -6.82
N THR A 63 9.76 7.46 -6.13
CA THR A 63 10.42 6.23 -6.61
C THR A 63 9.44 5.06 -6.64
N LEU A 64 8.72 4.87 -5.54
CA LEU A 64 7.67 3.84 -5.43
C LEU A 64 6.53 3.98 -6.49
N GLY A 65 6.11 5.22 -6.71
CA GLY A 65 5.09 5.50 -7.70
C GLY A 65 5.50 5.12 -9.12
N LYS A 66 6.80 5.32 -9.41
CA LYS A 66 7.38 4.99 -10.72
C LYS A 66 7.46 3.49 -10.88
N LEU A 67 8.01 2.83 -9.87
CA LEU A 67 8.16 1.37 -9.84
C LEU A 67 6.81 0.67 -9.98
N TRP A 68 5.80 1.09 -9.21
CA TRP A 68 4.48 0.48 -9.28
C TRP A 68 3.88 0.53 -10.68
N ARG A 69 4.02 1.66 -11.35
CA ARG A 69 3.51 1.81 -12.72
C ARG A 69 4.43 1.10 -13.77
N LEU A 70 5.44 0.34 -13.32
CA LEU A 70 6.26 -0.51 -14.20
C LEU A 70 6.05 -2.00 -13.95
N LEU A 71 5.19 -2.35 -12.99
CA LEU A 71 4.91 -3.75 -12.66
C LEU A 71 3.84 -4.38 -13.57
N ASN A 72 3.91 -5.72 -13.72
CA ASN A 72 2.92 -6.52 -14.49
C ASN A 72 1.64 -6.73 -13.70
N GLU A 73 0.60 -7.28 -14.35
CA GLU A 73 -0.65 -7.69 -13.67
C GLU A 73 -0.34 -8.81 -12.67
N SER A 74 0.49 -9.76 -13.08
CA SER A 74 0.95 -10.86 -12.22
C SER A 74 1.74 -10.37 -11.02
N GLU A 75 2.59 -9.35 -11.23
CA GLU A 75 3.44 -8.80 -10.14
C GLU A 75 2.60 -8.08 -9.09
N LYS A 76 1.63 -7.28 -9.56
CA LYS A 76 0.65 -6.56 -8.70
C LYS A 76 -0.45 -7.41 -8.07
N ARG A 77 -0.88 -8.46 -8.79
CA ARG A 77 -1.97 -9.36 -8.38
C ARG A 77 -2.05 -9.69 -6.88
N PRO A 78 -0.94 -10.19 -6.28
CA PRO A 78 -1.00 -10.48 -4.83
C PRO A 78 -1.45 -9.28 -3.96
N PHE A 79 -1.05 -8.09 -4.40
CA PHE A 79 -1.28 -6.84 -3.64
C PHE A 79 -2.68 -6.34 -3.85
N VAL A 80 -3.21 -6.63 -5.04
CA VAL A 80 -4.61 -6.39 -5.38
C VAL A 80 -5.52 -7.36 -4.63
N GLU A 81 -5.18 -8.65 -4.68
CA GLU A 81 -5.89 -9.71 -3.94
C GLU A 81 -5.98 -9.38 -2.45
N GLU A 82 -4.87 -8.88 -1.90
CA GLU A 82 -4.76 -8.49 -0.51
C GLU A 82 -5.50 -7.18 -0.28
N ALA A 83 -5.27 -6.20 -1.16
CA ALA A 83 -6.01 -4.92 -1.07
C ALA A 83 -7.53 -5.12 -1.02
N GLU A 84 -8.02 -6.06 -1.82
CA GLU A 84 -9.42 -6.48 -1.84
C GLU A 84 -9.79 -7.12 -0.52
N ARG A 85 -9.03 -8.15 -0.16
CA ARG A 85 -9.25 -8.87 1.08
C ARG A 85 -9.39 -7.89 2.26
N LEU A 86 -8.47 -6.90 2.31
CA LEU A 86 -8.41 -5.89 3.40
C LEU A 86 -9.67 -5.03 3.46
N ARG A 87 -10.23 -4.79 2.29
CA ARG A 87 -11.36 -3.89 2.08
C ARG A 87 -12.67 -4.59 2.41
N VAL A 88 -12.84 -5.81 1.88
CA VAL A 88 -14.01 -6.69 2.13
C VAL A 88 -14.13 -7.01 3.62
N GLN A 89 -12.98 -7.33 4.21
CA GLN A 89 -12.86 -7.53 5.66
C GLN A 89 -13.30 -6.29 6.45
N HIS A 90 -12.79 -5.12 6.04
CA HIS A 90 -13.07 -3.84 6.69
C HIS A 90 -14.54 -3.42 6.51
N LYS A 91 -15.13 -3.75 5.36
CA LYS A 91 -16.56 -3.49 5.11
C LYS A 91 -17.38 -4.35 6.07
N LYS A 92 -16.92 -5.57 6.33
CA LYS A 92 -17.59 -6.49 7.28
C LYS A 92 -17.54 -5.90 8.69
N ASP A 93 -16.33 -5.59 9.15
CA ASP A 93 -16.06 -5.06 10.50
C ASP A 93 -16.72 -3.70 10.72
N HIS A 94 -16.67 -2.84 9.70
CA HIS A 94 -17.18 -1.47 9.80
C HIS A 94 -18.24 -1.24 8.72
N PRO A 95 -19.48 -1.69 8.99
CA PRO A 95 -20.52 -1.69 7.97
C PRO A 95 -21.12 -0.29 7.71
N ASP A 96 -20.88 0.63 8.66
CA ASP A 96 -21.30 2.03 8.52
C ASP A 96 -20.08 2.94 8.73
N TYR A 97 -19.02 2.69 7.96
CA TYR A 97 -17.81 3.48 8.00
C TYR A 97 -18.01 4.81 7.25
N LYS A 98 -17.84 5.94 7.95
CA LYS A 98 -17.88 7.26 7.35
C LYS A 98 -16.49 7.52 6.74
N TYR A 99 -16.41 7.74 5.42
CA TYR A 99 -15.12 7.93 4.70
C TYR A 99 -14.63 9.39 4.83
#